data_1UX1
#
_entry.id   1UX1
#
_cell.length_a   62.484
_cell.length_b   62.484
_cell.length_c   221.604
_cell.angle_alpha   90.00
_cell.angle_beta   90.00
_cell.angle_gamma   120.00
#
_symmetry.space_group_name_H-M   'P 32 2 1'
#
loop_
_entity.id
_entity.type
_entity.pdbx_description
1 polymer 'CYTIDINE DEAMINASE'
2 non-polymer TETRAHYDRODEOXYURIDINE
3 non-polymer 'ZINC ION'
4 non-polymer 2-AMINO-2-HYDROXYMETHYL-PROPANE-1,3-DIOL
5 water water
#
_entity_poly.entity_id   1
_entity_poly.type   'polypeptide(L)'
_entity_poly.pdbx_seq_one_letter_code
;MNRQELITEALKARDMAYAPYSKFQVGAALLTKDGKVYRGCNIENAAYSMCNHAEQTALFKAVSEGDTEFQMLAVAADTP
GPVSPCGACRQVISELCTKDVIVVLTNLQGQIKEMTVEELLPGAFSSEDLHDERKL
;
_entity_poly.pdbx_strand_id   A,B,C,D
#
loop_
_chem_comp.id
_chem_comp.type
_chem_comp.name
_chem_comp.formula
THU non-polymer TETRAHYDRODEOXYURIDINE 'C9 H14 N2 O5'
TRS non-polymer 2-AMINO-2-HYDROXYMETHYL-PROPANE-1,3-DIOL 'C4 H12 N O3 1'
ZN non-polymer 'ZINC ION' 'Zn 2'
#
# COMPACT_ATOMS: atom_id res chain seq x y z
N MET A 1 13.48 14.18 -27.93
CA MET A 1 13.52 12.83 -27.30
C MET A 1 12.49 11.91 -27.93
N ASN A 2 12.93 11.07 -28.85
CA ASN A 2 11.99 10.15 -29.47
C ASN A 2 11.86 8.97 -28.51
N ARG A 3 10.63 8.47 -28.36
CA ARG A 3 10.35 7.37 -27.46
C ARG A 3 11.37 6.23 -27.41
N GLN A 4 12.01 5.93 -28.54
CA GLN A 4 12.99 4.84 -28.54
C GLN A 4 14.10 5.04 -27.51
N GLU A 5 14.55 6.29 -27.33
CA GLU A 5 15.61 6.55 -26.37
C GLU A 5 15.11 6.36 -24.95
N LEU A 6 13.89 6.81 -24.70
CA LEU A 6 13.30 6.65 -23.37
C LEU A 6 13.12 5.16 -23.07
N ILE A 7 12.71 4.41 -24.10
CA ILE A 7 12.51 2.96 -23.97
C ILE A 7 13.84 2.31 -23.59
N THR A 8 14.91 2.77 -24.21
CA THR A 8 16.23 2.25 -23.93
C THR A 8 16.55 2.44 -22.44
N GLU A 9 16.19 3.61 -21.91
CA GLU A 9 16.42 3.93 -20.50
C GLU A 9 15.59 3.01 -19.59
N ALA A 10 14.32 2.82 -19.92
CA ALA A 10 13.45 1.97 -19.14
C ALA A 10 13.99 0.54 -19.12
N LEU A 11 14.56 0.10 -20.24
CA LEU A 11 15.10 -1.26 -20.30
C LEU A 11 16.33 -1.40 -19.41
N LYS A 12 17.13 -0.33 -19.30
CA LYS A 12 18.30 -0.36 -18.44
C LYS A 12 17.85 -0.32 -16.99
N ALA A 13 16.88 0.54 -16.71
CA ALA A 13 16.32 0.69 -15.37
C ALA A 13 15.79 -0.65 -14.87
N ARG A 14 15.22 -1.43 -15.78
CA ARG A 14 14.66 -2.72 -15.45
C ARG A 14 15.70 -3.67 -14.85
N ASP A 15 16.96 -3.55 -15.28
CA ASP A 15 18.00 -4.41 -14.74
C ASP A 15 18.34 -4.10 -13.28
N MET A 16 17.93 -2.94 -12.78
CA MET A 16 18.21 -2.58 -11.39
C MET A 16 17.14 -3.13 -10.47
N ALA A 17 16.10 -3.72 -11.07
CA ALA A 17 14.99 -4.26 -10.30
C ALA A 17 15.36 -5.21 -9.15
N TYR A 18 14.68 -5.04 -8.04
CA TYR A 18 14.87 -5.89 -6.87
C TYR A 18 13.54 -6.63 -6.73
N ALA A 19 13.41 -7.75 -7.43
CA ALA A 19 12.18 -8.54 -7.40
C ALA A 19 12.47 -10.01 -7.16
N PRO A 20 13.17 -10.31 -6.05
CA PRO A 20 13.50 -11.70 -5.71
C PRO A 20 12.30 -12.59 -5.41
N TYR A 21 11.15 -11.99 -5.10
CA TYR A 21 9.96 -12.77 -4.79
C TYR A 21 9.10 -13.14 -6.00
N SER A 22 8.86 -12.18 -6.89
CA SER A 22 8.06 -12.50 -8.07
C SER A 22 8.94 -12.92 -9.24
N LYS A 23 10.20 -12.50 -9.24
CA LYS A 23 11.11 -12.80 -10.34
C LYS A 23 10.64 -12.08 -11.61
N PHE A 24 9.78 -11.08 -11.43
CA PHE A 24 9.23 -10.29 -12.54
C PHE A 24 9.83 -8.88 -12.46
N GLN A 25 10.74 -8.56 -13.35
CA GLN A 25 11.37 -7.25 -13.34
C GLN A 25 10.66 -6.24 -14.24
N VAL A 26 10.48 -5.03 -13.73
CA VAL A 26 9.84 -3.96 -14.48
C VAL A 26 10.73 -2.73 -14.44
N GLY A 27 10.82 -2.02 -15.57
CA GLY A 27 11.64 -0.83 -15.64
C GLY A 27 10.82 0.33 -16.16
N ALA A 28 11.18 1.56 -15.79
CA ALA A 28 10.45 2.73 -16.25
C ALA A 28 11.39 3.92 -16.40
N ALA A 29 11.08 4.81 -17.33
CA ALA A 29 11.90 5.99 -17.55
C ALA A 29 10.95 7.17 -17.74
N LEU A 30 11.18 8.21 -16.95
CA LEU A 30 10.35 9.40 -16.99
C LEU A 30 11.13 10.59 -17.55
N LEU A 31 10.55 11.27 -18.53
CA LEU A 31 11.18 12.41 -19.17
C LEU A 31 10.53 13.73 -18.74
N THR A 32 11.32 14.62 -18.15
CA THR A 32 10.80 15.92 -17.71
C THR A 32 10.68 16.88 -18.90
N LYS A 33 10.02 18.01 -18.69
CA LYS A 33 9.87 19.00 -19.75
C LYS A 33 11.22 19.52 -20.21
N ASP A 34 12.14 19.64 -19.26
CA ASP A 34 13.47 20.13 -19.59
C ASP A 34 14.39 19.05 -20.16
N GLY A 35 13.82 17.88 -20.45
CA GLY A 35 14.61 16.82 -21.03
C GLY A 35 15.42 15.93 -20.10
N LYS A 36 15.19 16.03 -18.80
CA LYS A 36 15.93 15.20 -17.86
C LYS A 36 15.20 13.86 -17.71
N VAL A 37 15.97 12.79 -17.59
CA VAL A 37 15.38 11.45 -17.45
C VAL A 37 15.55 10.83 -16.07
N TYR A 38 14.46 10.26 -15.56
CA TYR A 38 14.47 9.59 -14.26
C TYR A 38 14.10 8.12 -14.45
N ARG A 39 14.99 7.24 -14.02
CA ARG A 39 14.78 5.80 -14.13
C ARG A 39 14.10 5.25 -12.90
N GLY A 40 13.34 4.16 -13.08
CA GLY A 40 12.66 3.54 -11.96
C GLY A 40 12.54 2.04 -12.16
N CYS A 41 12.47 1.30 -11.07
CA CYS A 41 12.32 -0.15 -11.13
C CYS A 41 11.49 -0.61 -9.96
N ASN A 42 10.96 -1.83 -10.01
CA ASN A 42 10.17 -2.30 -8.90
C ASN A 42 11.12 -2.84 -7.82
N ILE A 43 10.75 -2.59 -6.57
CA ILE A 43 11.55 -2.99 -5.42
C ILE A 43 10.62 -3.72 -4.46
N GLU A 44 10.81 -5.02 -4.35
CA GLU A 44 9.95 -5.84 -3.51
C GLU A 44 10.37 -5.96 -2.05
N ASN A 45 9.53 -6.63 -1.28
CA ASN A 45 9.75 -6.80 0.16
C ASN A 45 9.13 -8.14 0.59
N ALA A 46 9.76 -8.79 1.57
CA ALA A 46 9.26 -10.08 2.07
C ALA A 46 7.78 -9.98 2.49
N ALA A 47 7.39 -8.81 2.98
CA ALA A 47 6.00 -8.54 3.35
C ALA A 47 5.40 -7.82 2.12
N TYR A 48 4.88 -8.61 1.20
CA TYR A 48 4.31 -8.12 -0.07
C TYR A 48 3.62 -6.75 -0.16
N SER A 49 2.91 -6.33 0.89
CA SER A 49 2.21 -5.05 0.82
C SER A 49 3.13 -3.83 0.62
N MET A 50 4.39 -3.95 1.01
CA MET A 50 5.35 -2.85 0.88
C MET A 50 5.98 -2.63 -0.51
N CYS A 51 5.74 -3.55 -1.44
CA CYS A 51 6.31 -3.47 -2.78
C CYS A 51 6.06 -2.15 -3.54
N ASN A 52 7.13 -1.58 -4.09
CA ASN A 52 7.03 -0.33 -4.84
C ASN A 52 7.29 -0.63 -6.32
N HIS A 53 6.42 -0.11 -7.20
CA HIS A 53 6.54 -0.36 -8.64
C HIS A 53 7.43 0.60 -9.44
N ALA A 54 7.94 0.12 -10.57
CA ALA A 54 8.80 0.92 -11.43
C ALA A 54 8.23 2.29 -11.79
N GLU A 55 6.99 2.34 -12.24
CA GLU A 55 6.38 3.61 -12.63
C GLU A 55 6.41 4.61 -11.48
N GLN A 56 6.06 4.15 -10.29
CA GLN A 56 6.04 5.01 -9.11
C GLN A 56 7.46 5.41 -8.69
N THR A 57 8.39 4.49 -8.74
CA THR A 57 9.77 4.82 -8.35
C THR A 57 10.28 5.96 -9.22
N ALA A 58 10.07 5.88 -10.52
CA ALA A 58 10.53 6.93 -11.43
C ALA A 58 9.87 8.26 -11.12
N LEU A 59 8.56 8.24 -10.92
CA LEU A 59 7.80 9.44 -10.61
C LEU A 59 8.20 10.05 -9.26
N PHE A 60 8.38 9.22 -8.24
CA PHE A 60 8.74 9.69 -6.90
C PHE A 60 10.17 10.26 -6.85
N LYS A 61 11.08 9.71 -7.64
CA LYS A 61 12.44 10.23 -7.67
C LYS A 61 12.42 11.63 -8.28
N ALA A 62 11.65 11.79 -9.35
CA ALA A 62 11.54 13.07 -10.02
C ALA A 62 10.99 14.12 -9.06
N VAL A 63 9.80 13.86 -8.55
CA VAL A 63 9.13 14.77 -7.62
C VAL A 63 9.98 15.14 -6.40
N SER A 64 10.66 14.17 -5.81
CA SER A 64 11.49 14.43 -4.64
C SER A 64 12.74 15.24 -4.98
N GLU A 65 12.96 15.45 -6.27
CA GLU A 65 14.12 16.21 -6.73
C GLU A 65 13.66 17.59 -7.18
N GLY A 66 12.36 17.84 -7.13
CA GLY A 66 11.83 19.14 -7.52
C GLY A 66 11.27 19.19 -8.93
N ASP A 67 11.34 18.08 -9.66
CA ASP A 67 10.82 18.04 -11.01
C ASP A 67 9.39 17.53 -11.00
N THR A 68 8.47 18.38 -11.44
CA THR A 68 7.06 18.04 -11.44
C THR A 68 6.37 18.20 -12.79
N GLU A 69 7.12 18.63 -13.80
CA GLU A 69 6.58 18.82 -15.15
C GLU A 69 7.09 17.68 -16.01
N PHE A 70 6.19 16.88 -16.57
CA PHE A 70 6.62 15.75 -17.37
C PHE A 70 6.00 15.74 -18.76
N GLN A 71 6.64 15.01 -19.68
CA GLN A 71 6.12 14.92 -21.04
C GLN A 71 5.93 13.48 -21.48
N MET A 72 6.77 12.58 -20.99
CA MET A 72 6.66 11.19 -21.41
C MET A 72 7.14 10.18 -20.37
N LEU A 73 6.48 9.03 -20.33
CA LEU A 73 6.84 7.94 -19.41
C LEU A 73 6.85 6.61 -20.15
N ALA A 74 7.98 5.90 -20.07
CA ALA A 74 8.11 4.60 -20.73
C ALA A 74 8.18 3.51 -19.68
N VAL A 75 7.49 2.40 -19.94
CA VAL A 75 7.47 1.27 -19.04
C VAL A 75 7.74 -0.01 -19.82
N ALA A 76 8.57 -0.89 -19.24
CA ALA A 76 8.92 -2.13 -19.91
C ALA A 76 9.05 -3.34 -18.97
N ALA A 77 8.57 -4.49 -19.43
CA ALA A 77 8.63 -5.74 -18.69
C ALA A 77 8.66 -6.87 -19.71
N ASP A 78 9.03 -8.06 -19.27
CA ASP A 78 9.11 -9.20 -20.17
C ASP A 78 7.77 -9.92 -20.39
N THR A 79 6.84 -9.23 -21.02
CA THR A 79 5.51 -9.77 -21.30
C THR A 79 5.30 -9.96 -22.80
N PRO A 80 4.36 -10.83 -23.20
CA PRO A 80 4.06 -11.13 -24.60
C PRO A 80 3.82 -9.85 -25.42
N GLY A 81 3.01 -8.94 -24.87
CA GLY A 81 2.76 -7.68 -25.55
C GLY A 81 3.27 -6.55 -24.69
N PRO A 82 2.96 -5.30 -25.02
CA PRO A 82 3.43 -4.19 -24.20
C PRO A 82 2.97 -4.42 -22.77
N VAL A 83 3.78 -4.07 -21.79
CA VAL A 83 3.41 -4.27 -20.40
C VAL A 83 2.25 -3.35 -20.04
N SER A 84 1.36 -3.85 -19.19
CA SER A 84 0.20 -3.08 -18.76
C SER A 84 0.36 -2.55 -17.33
N PRO A 85 0.42 -1.22 -17.15
CA PRO A 85 0.57 -0.64 -15.81
C PRO A 85 -0.58 -1.09 -14.93
N CYS A 86 -0.31 -1.40 -13.65
CA CYS A 86 -1.37 -1.82 -12.76
C CYS A 86 -2.24 -0.62 -12.39
N GLY A 87 -3.42 -0.89 -11.85
CA GLY A 87 -4.34 0.18 -11.48
C GLY A 87 -3.77 1.22 -10.54
N ALA A 88 -3.01 0.78 -9.54
CA ALA A 88 -2.43 1.68 -8.57
C ALA A 88 -1.45 2.64 -9.24
N CYS A 89 -0.67 2.11 -10.18
CA CYS A 89 0.29 2.96 -10.89
C CYS A 89 -0.42 3.96 -11.79
N ARG A 90 -1.49 3.53 -12.45
CA ARG A 90 -2.23 4.44 -13.30
C ARG A 90 -2.77 5.59 -12.46
N GLN A 91 -3.21 5.27 -11.24
CA GLN A 91 -3.75 6.28 -10.33
C GLN A 91 -2.68 7.31 -9.99
N VAL A 92 -1.49 6.85 -9.65
CA VAL A 92 -0.39 7.75 -9.30
C VAL A 92 0.01 8.57 -10.51
N ILE A 93 -0.07 7.96 -11.68
CA ILE A 93 0.25 8.65 -12.93
C ILE A 93 -0.78 9.75 -13.21
N SER A 94 -2.05 9.47 -12.96
CA SER A 94 -3.09 10.46 -13.21
C SER A 94 -3.01 11.66 -12.26
N GLU A 95 -2.40 11.44 -11.11
CA GLU A 95 -2.25 12.49 -10.10
C GLU A 95 -1.02 13.37 -10.35
N LEU A 96 0.11 12.76 -10.68
CA LEU A 96 1.34 13.51 -10.88
C LEU A 96 1.65 13.94 -12.31
N CYS A 97 0.91 13.41 -13.27
CA CYS A 97 1.14 13.77 -14.66
C CYS A 97 -0.05 14.52 -15.25
N THR A 98 0.23 15.50 -16.09
CA THR A 98 -0.84 16.23 -16.73
C THR A 98 -1.50 15.23 -17.67
N LYS A 99 -2.76 15.49 -18.03
CA LYS A 99 -3.49 14.57 -18.89
C LYS A 99 -2.92 14.39 -20.30
N ASP A 100 -1.97 15.24 -20.67
CA ASP A 100 -1.37 15.16 -22.00
C ASP A 100 -0.08 14.34 -22.07
N VAL A 101 0.49 13.99 -20.92
CA VAL A 101 1.72 13.19 -20.90
C VAL A 101 1.53 11.90 -21.70
N ILE A 102 2.55 11.54 -22.46
CA ILE A 102 2.48 10.33 -23.28
C ILE A 102 3.04 9.13 -22.53
N VAL A 103 2.26 8.05 -22.48
CA VAL A 103 2.69 6.83 -21.81
C VAL A 103 3.04 5.81 -22.88
N VAL A 104 4.31 5.41 -22.90
CA VAL A 104 4.81 4.44 -23.88
C VAL A 104 5.02 3.08 -23.21
N LEU A 105 4.23 2.10 -23.62
CA LEU A 105 4.32 0.76 -23.07
C LEU A 105 5.03 -0.17 -24.03
N THR A 106 5.89 -1.03 -23.50
CA THR A 106 6.63 -1.96 -24.33
C THR A 106 7.09 -3.20 -23.55
N ASN A 107 7.85 -4.06 -24.23
CA ASN A 107 8.37 -5.27 -23.60
C ASN A 107 9.84 -5.44 -23.98
N LEU A 108 10.32 -6.67 -24.00
CA LEU A 108 11.72 -6.91 -24.36
C LEU A 108 11.88 -7.41 -25.80
N GLN A 109 10.83 -7.25 -26.61
CA GLN A 109 10.88 -7.71 -28.01
C GLN A 109 10.36 -6.72 -29.03
N GLY A 110 10.34 -5.44 -28.68
CA GLY A 110 9.93 -4.42 -29.63
C GLY A 110 8.46 -4.12 -29.86
N GLN A 111 7.57 -4.69 -29.05
CA GLN A 111 6.15 -4.39 -29.22
C GLN A 111 5.89 -3.11 -28.45
N ILE A 112 5.29 -2.13 -29.12
CA ILE A 112 5.04 -0.83 -28.49
C ILE A 112 3.60 -0.38 -28.62
N LYS A 113 3.08 0.16 -27.53
CA LYS A 113 1.73 0.68 -27.47
C LYS A 113 1.82 2.03 -26.76
N GLU A 114 1.13 3.02 -27.31
CA GLU A 114 1.18 4.37 -26.75
C GLU A 114 -0.21 4.88 -26.39
N MET A 115 -0.29 5.66 -25.33
CA MET A 115 -1.55 6.25 -24.89
C MET A 115 -1.32 7.42 -23.94
N THR A 116 -2.26 8.36 -23.90
CA THR A 116 -2.12 9.53 -23.03
C THR A 116 -2.51 9.16 -21.61
N VAL A 117 -2.10 10.00 -20.66
CA VAL A 117 -2.38 9.78 -19.24
C VAL A 117 -3.87 9.66 -18.96
N GLU A 118 -4.67 10.38 -19.75
CA GLU A 118 -6.12 10.33 -19.60
C GLU A 118 -6.66 8.95 -19.98
N GLU A 119 -6.36 8.52 -21.20
CA GLU A 119 -6.82 7.24 -21.75
C GLU A 119 -6.45 6.01 -20.91
N LEU A 120 -5.40 6.15 -20.11
CA LEU A 120 -4.90 5.06 -19.28
C LEU A 120 -5.85 4.74 -18.12
N LEU A 121 -6.50 5.79 -17.60
CA LEU A 121 -7.44 5.65 -16.49
C LEU A 121 -8.52 6.72 -16.66
N PRO A 122 -9.47 6.50 -17.57
CA PRO A 122 -10.54 7.46 -17.81
C PRO A 122 -11.46 7.74 -16.61
N GLY A 123 -11.71 9.02 -16.37
CA GLY A 123 -12.57 9.43 -15.27
C GLY A 123 -11.95 9.11 -13.93
N ALA A 124 -10.62 9.16 -13.88
CA ALA A 124 -9.90 8.86 -12.66
C ALA A 124 -10.36 9.68 -11.46
N PHE A 125 -10.26 9.05 -10.28
CA PHE A 125 -10.61 9.68 -9.01
C PHE A 125 -9.54 10.77 -8.84
N SER A 126 -9.92 11.94 -8.33
CA SER A 126 -8.95 13.01 -8.15
C SER A 126 -9.25 13.95 -6.98
N SER A 127 -8.31 14.83 -6.69
CA SER A 127 -8.43 15.79 -5.61
C SER A 127 -9.71 16.60 -5.68
N GLU A 128 -10.21 16.84 -6.89
CA GLU A 128 -11.45 17.58 -7.08
C GLU A 128 -12.61 16.88 -6.36
N ASP A 129 -12.64 15.56 -6.45
CA ASP A 129 -13.70 14.77 -5.82
C ASP A 129 -13.80 15.00 -4.32
N LEU A 130 -12.66 15.25 -3.67
CA LEU A 130 -12.64 15.49 -2.24
C LEU A 130 -13.29 16.85 -1.95
N HIS A 131 -13.96 17.40 -2.97
CA HIS A 131 -14.64 18.68 -2.89
C HIS A 131 -13.66 19.84 -2.82
N MET B 1 -33.12 -8.97 -4.51
CA MET B 1 -32.01 -8.00 -4.23
C MET B 1 -31.60 -7.27 -5.50
N ASN B 2 -32.43 -6.33 -5.94
CA ASN B 2 -32.14 -5.54 -7.13
C ASN B 2 -30.98 -4.60 -6.83
N ARG B 3 -30.57 -3.80 -7.81
CA ARG B 3 -29.45 -2.88 -7.59
C ARG B 3 -29.77 -1.76 -6.60
N GLN B 4 -30.99 -1.23 -6.65
CA GLN B 4 -31.35 -0.14 -5.73
C GLN B 4 -31.18 -0.59 -4.28
N GLU B 5 -31.41 -1.87 -4.03
CA GLU B 5 -31.27 -2.41 -2.68
C GLU B 5 -29.80 -2.58 -2.30
N LEU B 6 -28.95 -2.85 -3.30
CA LEU B 6 -27.52 -3.02 -3.05
C LEU B 6 -26.96 -1.64 -2.79
N ILE B 7 -27.45 -0.66 -3.55
CA ILE B 7 -27.03 0.72 -3.39
C ILE B 7 -27.34 1.19 -1.98
N THR B 8 -28.50 0.78 -1.48
CA THR B 8 -28.90 1.15 -0.13
C THR B 8 -27.87 0.58 0.85
N GLU B 9 -27.48 -0.67 0.63
CA GLU B 9 -26.48 -1.33 1.48
C GLU B 9 -25.17 -0.57 1.49
N ALA B 10 -24.72 -0.14 0.31
CA ALA B 10 -23.48 0.61 0.19
C ALA B 10 -23.60 1.94 0.94
N LEU B 11 -24.78 2.54 0.89
CA LEU B 11 -24.99 3.80 1.58
C LEU B 11 -24.91 3.59 3.11
N LYS B 12 -25.47 2.50 3.59
CA LYS B 12 -25.40 2.21 5.02
C LYS B 12 -23.95 1.90 5.39
N ALA B 13 -23.28 1.10 4.55
CA ALA B 13 -21.90 0.74 4.79
C ALA B 13 -21.04 1.98 4.93
N ARG B 14 -21.34 3.00 4.14
CA ARG B 14 -20.59 4.24 4.15
C ARG B 14 -20.54 4.90 5.55
N ASP B 15 -21.60 4.76 6.33
CA ASP B 15 -21.64 5.35 7.66
C ASP B 15 -20.63 4.73 8.63
N MET B 16 -20.16 3.53 8.31
CA MET B 16 -19.18 2.85 9.16
C MET B 16 -17.76 3.31 8.84
N ALA B 17 -17.65 4.15 7.82
CA ALA B 17 -16.35 4.65 7.39
C ALA B 17 -15.56 5.33 8.52
N TYR B 18 -14.28 5.00 8.57
CA TYR B 18 -13.37 5.56 9.55
C TYR B 18 -12.40 6.44 8.75
N ALA B 19 -12.82 7.66 8.44
CA ALA B 19 -12.01 8.58 7.65
C ALA B 19 -11.81 9.92 8.34
N PRO B 20 -11.24 9.90 9.54
CA PRO B 20 -11.00 11.13 10.30
C PRO B 20 -9.97 12.07 9.66
N TYR B 21 -9.14 11.56 8.75
CA TYR B 21 -8.12 12.39 8.13
C TYR B 21 -8.59 13.08 6.84
N SER B 22 -9.33 12.38 6.00
CA SER B 22 -9.81 12.98 4.76
C SER B 22 -11.24 13.51 4.89
N LYS B 23 -11.97 12.99 5.88
CA LYS B 23 -13.36 13.41 6.07
C LYS B 23 -14.20 13.00 4.86
N PHE B 24 -13.65 12.12 4.02
CA PHE B 24 -14.34 11.65 2.83
C PHE B 24 -14.74 10.19 3.04
N GLN B 25 -16.03 9.97 3.27
CA GLN B 25 -16.52 8.61 3.51
C GLN B 25 -16.99 7.92 2.24
N VAL B 26 -16.64 6.64 2.14
CA VAL B 26 -17.01 5.83 1.00
C VAL B 26 -17.57 4.50 1.48
N GLY B 27 -18.65 4.04 0.86
CA GLY B 27 -19.25 2.78 1.23
C GLY B 27 -19.39 1.87 0.02
N ALA B 28 -19.38 0.56 0.25
CA ALA B 28 -19.51 -0.40 -0.84
C ALA B 28 -20.27 -1.65 -0.40
N ALA B 29 -20.98 -2.25 -1.35
CA ALA B 29 -21.77 -3.44 -1.06
C ALA B 29 -21.55 -4.47 -2.18
N LEU B 30 -21.08 -5.65 -1.79
CA LEU B 30 -20.78 -6.74 -2.71
C LEU B 30 -21.82 -7.84 -2.60
N LEU B 31 -22.41 -8.21 -3.73
CA LEU B 31 -23.43 -9.25 -3.77
C LEU B 31 -22.89 -10.54 -4.37
N THR B 32 -22.92 -11.63 -3.60
CA THR B 32 -22.41 -12.91 -4.08
C THR B 32 -23.44 -13.53 -5.01
N LYS B 33 -23.04 -14.57 -5.73
CA LYS B 33 -23.95 -15.25 -6.64
C LYS B 33 -25.10 -15.90 -5.88
N ASP B 34 -24.84 -16.26 -4.62
CA ASP B 34 -25.87 -16.88 -3.79
C ASP B 34 -26.76 -15.85 -3.10
N GLY B 35 -26.58 -14.58 -3.46
CA GLY B 35 -27.41 -13.54 -2.87
C GLY B 35 -26.96 -12.97 -1.54
N LYS B 36 -25.77 -13.31 -1.07
CA LYS B 36 -25.30 -12.77 0.21
C LYS B 36 -24.63 -11.42 -0.04
N VAL B 37 -24.81 -10.49 0.90
CA VAL B 37 -24.23 -9.17 0.76
C VAL B 37 -23.13 -8.87 1.76
N TYR B 38 -22.04 -8.29 1.28
CA TYR B 38 -20.92 -7.92 2.13
C TYR B 38 -20.72 -6.42 2.03
N ARG B 39 -20.70 -5.76 3.19
CA ARG B 39 -20.52 -4.31 3.26
C ARG B 39 -19.08 -3.90 3.44
N GLY B 40 -18.72 -2.76 2.87
CA GLY B 40 -17.36 -2.27 2.99
C GLY B 40 -17.30 -0.76 3.12
N CYS B 41 -16.25 -0.26 3.76
CA CYS B 41 -16.07 1.17 3.95
C CYS B 41 -14.57 1.45 4.00
N ASN B 42 -14.19 2.72 3.82
CA ASN B 42 -12.77 3.04 3.88
C ASN B 42 -12.37 3.22 5.34
N ILE B 43 -11.17 2.76 5.67
CA ILE B 43 -10.63 2.84 7.02
C ILE B 43 -9.24 3.44 6.92
N GLU B 44 -9.11 4.67 7.42
CA GLU B 44 -7.86 5.39 7.37
C GLU B 44 -6.90 5.12 8.52
N ASN B 45 -5.70 5.70 8.40
CA ASN B 45 -4.66 5.54 9.38
C ASN B 45 -3.80 6.80 9.42
N ALA B 46 -3.27 7.14 10.59
CA ALA B 46 -2.43 8.33 10.74
C ALA B 46 -1.30 8.32 9.71
N ALA B 47 -0.79 7.13 9.40
CA ALA B 47 0.26 6.95 8.41
C ALA B 47 -0.50 6.60 7.12
N TYR B 48 -0.82 7.62 6.33
CA TYR B 48 -1.60 7.49 5.10
C TYR B 48 -1.46 6.26 4.19
N SER B 49 -0.27 5.70 4.07
CA SER B 49 -0.08 4.55 3.18
C SER B 49 -0.92 3.31 3.55
N MET B 50 -1.24 3.16 4.83
CA MET B 50 -2.01 2.00 5.29
C MET B 50 -3.50 1.97 4.96
N CYS B 51 -4.07 3.14 4.67
CA CYS B 51 -5.50 3.26 4.36
C CYS B 51 -6.07 2.18 3.46
N ASN B 52 -7.21 1.64 3.87
CA ASN B 52 -7.90 0.60 3.12
C ASN B 52 -9.18 1.24 2.57
N HIS B 53 -9.53 0.92 1.33
CA HIS B 53 -10.72 1.50 0.71
C HIS B 53 -11.97 0.65 0.81
N ALA B 54 -13.13 1.28 0.65
CA ALA B 54 -14.42 0.59 0.75
C ALA B 54 -14.56 -0.61 -0.18
N GLU B 55 -14.21 -0.44 -1.45
CA GLU B 55 -14.33 -1.54 -2.42
C GLU B 55 -13.50 -2.76 -2.00
N GLN B 56 -12.27 -2.50 -1.57
CA GLN B 56 -11.35 -3.55 -1.16
C GLN B 56 -11.76 -4.28 0.09
N THR B 57 -12.67 -3.10 1.31
CA THR B 57 -13.01 -3.88 2.49
C THR B 57 -14.04 -4.95 2.17
N ALA B 58 -15.02 -4.61 1.35
CA ALA B 58 -16.09 -5.53 0.96
C ALA B 58 -15.60 -6.81 0.30
N LEU B 59 -14.68 -6.69 -0.65
CA LEU B 59 -14.15 -7.86 -1.33
C LEU B 59 -13.32 -8.74 -0.39
N PHE B 60 -12.53 -8.12 0.47
CA PHE B 60 -11.68 -8.87 1.41
C PHE B 60 -12.50 -9.60 2.46
N LYS B 61 -13.62 -8.99 2.87
CA LYS B 61 -14.49 -9.61 3.85
C LYS B 61 -15.14 -10.83 3.23
N ALA B 62 -15.57 -10.70 1.98
CA ALA B 62 -16.21 -11.80 1.28
C ALA B 62 -15.24 -12.98 1.14
N VAL B 63 -14.09 -12.73 0.52
CA VAL B 63 -13.08 -13.75 0.31
C VAL B 63 -12.59 -14.42 1.59
N SER B 64 -12.37 -13.63 2.64
CA SER B 64 -11.91 -14.21 3.90
C SER B 64 -12.99 -15.06 4.56
N GLU B 65 -14.21 -15.02 4.01
CA GLU B 65 -15.32 -15.81 4.53
C GLU B 65 -15.57 -17.03 3.65
N GLY B 66 -14.84 -17.11 2.54
CA GLY B 66 -15.00 -18.26 1.66
C GLY B 66 -15.82 -17.98 0.42
N ASP B 67 -16.36 -16.76 0.30
CA ASP B 67 -17.15 -16.40 -0.87
C ASP B 67 -16.25 -15.75 -1.91
N THR B 68 -16.21 -16.35 -3.10
CA THR B 68 -15.36 -15.86 -4.17
C THR B 68 -16.10 -15.64 -5.48
N GLU B 69 -17.39 -15.96 -5.49
CA GLU B 69 -18.24 -15.81 -6.67
C GLU B 69 -19.15 -14.61 -6.47
N PHE B 70 -18.98 -13.60 -7.32
CA PHE B 70 -19.78 -12.40 -7.18
C PHE B 70 -20.53 -12.04 -8.46
N GLN B 71 -21.54 -11.19 -8.32
CA GLN B 71 -22.32 -10.76 -9.46
C GLN B 71 -22.42 -9.25 -9.57
N MET B 72 -22.42 -8.56 -8.44
CA MET B 72 -22.54 -7.11 -8.47
C MET B 72 -21.83 -6.41 -7.31
N LEU B 73 -21.31 -5.22 -7.59
CA LEU B 73 -20.63 -4.42 -6.58
C LEU B 73 -21.10 -2.98 -6.70
N ALA B 74 -21.59 -2.43 -5.59
CA ALA B 74 -22.06 -1.05 -5.56
C ALA B 74 -21.10 -0.20 -4.73
N VAL B 75 -20.85 1.02 -5.17
CA VAL B 75 -19.94 1.93 -4.48
C VAL B 75 -20.58 3.30 -4.44
N ALA B 76 -20.53 3.96 -3.29
CA ALA B 76 -21.13 5.27 -3.12
C ALA B 76 -20.31 6.21 -2.26
N ALA B 77 -20.29 7.47 -2.64
CA ALA B 77 -19.58 8.53 -1.92
C ALA B 77 -20.33 9.82 -2.19
N ASP B 78 -20.01 10.87 -1.44
CA ASP B 78 -20.67 12.16 -1.62
C ASP B 78 -19.94 13.01 -2.64
N THR B 79 -20.08 12.63 -3.91
CA THR B 79 -19.44 13.33 -5.02
C THR B 79 -20.48 13.86 -5.99
N PRO B 80 -20.14 14.90 -6.77
CA PRO B 80 -21.06 15.49 -7.74
C PRO B 80 -21.76 14.47 -8.62
N GLY B 81 -20.99 13.55 -9.19
CA GLY B 81 -21.55 12.50 -10.01
C GLY B 81 -21.22 11.17 -9.37
N PRO B 82 -21.50 10.04 -10.03
CA PRO B 82 -21.20 8.73 -9.42
C PRO B 82 -19.72 8.68 -9.00
N VAL B 83 -19.45 8.04 -7.88
CA VAL B 83 -18.08 7.97 -7.38
C VAL B 83 -17.19 7.11 -8.29
N SER B 84 -15.95 7.56 -8.50
CA SER B 84 -15.03 6.84 -9.35
C SER B 84 -14.03 6.03 -8.53
N PRO B 85 -14.07 4.69 -8.66
CA PRO B 85 -13.15 3.82 -7.92
C PRO B 85 -11.72 4.19 -8.31
N CYS B 86 -10.81 4.23 -7.35
CA CYS B 86 -9.43 4.58 -7.68
C CYS B 86 -8.79 3.42 -8.45
N GLY B 87 -7.61 3.68 -9.02
CA GLY B 87 -6.91 2.66 -9.78
C GLY B 87 -6.58 1.42 -8.97
N ALA B 88 -6.14 1.60 -7.73
CA ALA B 88 -5.80 0.46 -6.88
C ALA B 88 -6.99 -0.49 -6.70
N CYS B 89 -8.17 0.09 -6.46
CA CYS B 89 -9.38 -0.70 -6.27
C CYS B 89 -9.80 -1.39 -7.56
N ARG B 90 -9.63 -0.71 -8.69
CA ARG B 90 -10.01 -1.32 -9.96
C ARG B 90 -9.14 -2.54 -10.18
N GLN B 91 -7.88 -2.45 -9.77
CA GLN B 91 -6.95 -3.56 -9.90
C GLN B 91 -7.39 -4.74 -9.04
N VAL B 92 -7.80 -4.46 -7.81
CA VAL B 92 -8.24 -5.53 -6.92
C VAL B 92 -9.53 -6.14 -7.46
N ILE B 93 -10.39 -5.29 -8.02
CA ILE B 93 -11.64 -5.74 -8.60
C ILE B 93 -11.41 -6.65 -9.81
N SER B 94 -10.43 -6.31 -10.64
CA SER B 94 -10.17 -7.12 -11.83
C SER B 94 -9.57 -8.46 -11.46
N GLU B 95 -8.95 -8.54 -10.28
CA GLU B 95 -8.33 -9.77 -9.82
C GLU B 95 -9.32 -10.70 -9.12
N LEU B 96 -10.20 -10.14 -8.32
CA LEU B 96 -11.15 -10.96 -7.55
C LEU B 96 -12.52 -11.14 -8.18
N CYS B 97 -12.87 -10.30 -9.15
CA CYS B 97 -14.16 -10.42 -9.81
C CYS B 97 -14.00 -10.95 -11.23
N THR B 98 -14.99 -11.71 -11.69
CA THR B 98 -14.97 -12.23 -13.05
C THR B 98 -15.26 -11.01 -13.92
N LYS B 99 -14.86 -11.07 -15.19
CA LYS B 99 -15.06 -9.93 -16.10
C LYS B 99 -16.50 -9.50 -16.31
N ASP B 100 -17.45 -10.34 -15.93
CA ASP B 100 -18.86 -10.02 -16.12
C ASP B 100 -19.56 -9.32 -14.94
N VAL B 101 -18.89 -9.28 -13.78
CA VAL B 101 -19.46 -8.63 -12.61
C VAL B 101 -19.85 -7.19 -12.92
N ILE B 102 -21.06 -6.81 -12.51
CA ILE B 102 -21.57 -5.46 -12.74
C ILE B 102 -21.15 -4.51 -11.62
N VAL B 103 -20.54 -3.40 -12.00
CA VAL B 103 -20.09 -2.40 -11.04
C VAL B 103 -21.02 -1.20 -11.10
N VAL B 104 -21.73 -0.97 -10.00
CA VAL B 104 -22.68 0.13 -9.91
C VAL B 104 -22.12 1.28 -9.10
N LEU B 105 -21.87 2.40 -9.79
CA LEU B 105 -21.33 3.58 -9.14
C LEU B 105 -22.44 4.61 -8.91
N THR B 106 -22.41 5.26 -7.75
CA THR B 106 -23.42 6.26 -7.42
C THR B 106 -22.92 7.25 -6.37
N ASN B 107 -23.81 8.14 -5.96
CA ASN B 107 -23.49 9.14 -4.96
C ASN B 107 -24.69 9.27 -4.04
N LEU B 108 -24.87 10.44 -3.41
CA LEU B 108 -26.01 10.63 -2.52
C LEU B 108 -27.17 11.28 -3.26
N GLN B 109 -26.95 11.57 -4.55
CA GLN B 109 -27.94 12.24 -5.37
C GLN B 109 -28.72 11.35 -6.33
N GLY B 110 -28.58 10.04 -6.18
CA GLY B 110 -29.31 9.14 -7.06
C GLY B 110 -28.71 8.95 -8.45
N GLN B 111 -27.68 9.71 -8.77
CA GLN B 111 -27.04 9.59 -10.07
C GLN B 111 -26.32 8.25 -10.10
N ILE B 112 -26.65 7.43 -11.10
CA ILE B 112 -26.07 6.12 -11.21
C ILE B 112 -25.39 5.84 -12.54
N LYS B 113 -24.20 5.25 -12.46
CA LYS B 113 -23.40 4.88 -13.62
C LYS B 113 -23.04 3.41 -13.44
N GLU B 114 -23.25 2.62 -14.48
CA GLU B 114 -22.98 1.20 -14.41
C GLU B 114 -21.92 0.79 -15.44
N MET B 115 -21.13 -0.22 -15.11
CA MET B 115 -20.10 -0.71 -16.02
C MET B 115 -19.54 -2.07 -15.59
N THR B 116 -18.88 -2.75 -16.53
CA THR B 116 -18.31 -4.06 -16.27
C THR B 116 -16.89 -3.93 -15.73
N VAL B 117 -16.38 -5.02 -15.16
CA VAL B 117 -15.03 -5.07 -14.60
C VAL B 117 -13.99 -4.77 -15.68
N GLU B 118 -14.16 -5.40 -16.84
CA GLU B 118 -13.23 -5.19 -17.95
C GLU B 118 -13.23 -3.73 -18.37
N GLU B 119 -14.41 -3.12 -18.41
CA GLU B 119 -14.56 -1.72 -18.82
C GLU B 119 -13.95 -0.76 -17.82
N LEU B 120 -13.97 -1.15 -16.56
CA LEU B 120 -13.43 -0.34 -15.49
C LEU B 120 -11.91 -0.21 -15.60
N LEU B 121 -11.26 -1.28 -16.02
CA LEU B 121 -9.82 -1.31 -16.15
C LEU B 121 -9.43 -2.16 -17.35
N PRO B 122 -9.52 -1.59 -18.55
CA PRO B 122 -9.20 -2.27 -19.82
C PRO B 122 -7.78 -2.84 -19.90
N GLY B 123 -7.69 -4.11 -20.30
CA GLY B 123 -6.41 -4.76 -20.45
C GLY B 123 -5.58 -4.74 -19.18
N ALA B 124 -6.27 -4.96 -18.07
CA ALA B 124 -5.66 -4.97 -16.76
C ALA B 124 -4.49 -5.94 -16.62
N PHE B 125 -3.51 -5.54 -15.82
CA PHE B 125 -2.35 -6.36 -15.52
C PHE B 125 -2.94 -7.57 -14.78
N SER B 126 -2.45 -8.78 -15.08
CA SER B 126 -2.98 -9.97 -14.42
C SER B 126 -1.96 -11.07 -14.16
N SER B 127 -2.41 -12.13 -13.49
CA SER B 127 -1.55 -13.26 -13.16
C SER B 127 -0.98 -13.92 -14.41
N GLU B 128 -1.69 -13.80 -15.53
CA GLU B 128 -1.22 -14.37 -16.79
C GLU B 128 0.12 -13.75 -17.21
N ASP B 129 0.28 -12.46 -16.91
CA ASP B 129 1.51 -11.74 -17.27
C ASP B 129 2.72 -12.19 -16.47
N LEU B 130 2.50 -12.87 -15.36
CA LEU B 130 3.61 -13.34 -14.53
C LEU B 130 4.13 -14.69 -15.03
N MET C 1 -13.42 -16.15 26.24
CA MET C 1 -12.63 -16.97 25.27
C MET C 1 -11.15 -16.83 25.50
N ASN C 2 -10.49 -17.95 25.78
CA ASN C 2 -9.05 -17.92 26.01
C ASN C 2 -8.30 -17.82 24.69
N ARG C 3 -6.98 -17.68 24.78
CA ARG C 3 -6.15 -17.55 23.60
C ARG C 3 -6.13 -18.85 22.78
N GLN C 4 -6.28 -19.98 23.46
CA GLN C 4 -6.28 -21.27 22.78
C GLN C 4 -7.44 -21.36 21.79
N GLU C 5 -8.58 -20.83 22.19
CA GLU C 5 -9.77 -20.83 21.34
C GLU C 5 -9.67 -19.79 20.23
N LEU C 6 -9.02 -18.66 20.52
CA LEU C 6 -8.88 -17.64 19.51
C LEU C 6 -7.90 -18.15 18.46
N ILE C 7 -6.87 -18.87 18.92
CA ILE C 7 -5.87 -19.45 18.03
C ILE C 7 -6.55 -20.43 17.06
N THR C 8 -7.48 -21.22 17.59
CA THR C 8 -8.23 -22.19 16.78
C THR C 8 -8.91 -21.45 15.63
N GLU C 9 -9.41 -20.25 15.91
CA GLU C 9 -10.07 -19.46 14.89
C GLU C 9 -9.09 -18.89 13.86
N ALA C 10 -7.91 -18.49 14.32
CA ALA C 10 -6.90 -17.94 13.42
C ALA C 10 -6.45 -19.04 12.46
N LEU C 11 -6.33 -20.25 12.97
CA LEU C 11 -5.90 -21.38 12.16
C LEU C 11 -6.94 -21.72 11.09
N LYS C 12 -8.22 -21.58 11.43
CA LYS C 12 -9.28 -21.85 10.47
C LYS C 12 -9.29 -20.72 9.45
N ALA C 13 -9.14 -19.49 9.93
CA ALA C 13 -9.10 -18.34 9.04
C ALA C 13 -7.96 -18.48 8.03
N ARG C 14 -6.86 -19.07 8.47
CA ARG C 14 -5.69 -19.25 7.60
C ARG C 14 -6.03 -20.07 6.35
N ASP C 15 -6.95 -21.02 6.48
CA ASP C 15 -7.33 -21.82 5.32
C ASP C 15 -8.08 -21.05 4.24
N MET C 16 -8.59 -19.87 4.58
CA MET C 16 -9.32 -19.06 3.59
C MET C 16 -8.35 -18.19 2.80
N ALA C 17 -7.09 -18.20 3.20
CA ALA C 17 -6.09 -17.38 2.54
C ALA C 17 -6.03 -17.53 1.02
N TYR C 18 -5.88 -16.39 0.36
CA TYR C 18 -5.75 -16.36 -1.08
C TYR C 18 -4.33 -15.87 -1.32
N ALA C 19 -3.38 -16.80 -1.29
CA ALA C 19 -1.97 -16.46 -1.49
C ALA C 19 -1.32 -17.30 -2.61
N PRO C 20 -1.89 -17.27 -3.82
CA PRO C 20 -1.34 -18.04 -4.93
C PRO C 20 0.05 -17.59 -5.40
N TYR C 21 0.45 -16.37 -5.06
CA TYR C 21 1.76 -15.90 -5.49
C TYR C 21 2.89 -16.27 -4.52
N SER C 22 2.70 -16.06 -3.22
CA SER C 22 3.75 -16.39 -2.26
C SER C 22 3.60 -17.80 -1.70
N LYS C 23 2.40 -18.36 -1.79
CA LYS C 23 2.15 -19.71 -1.26
C LYS C 23 2.35 -19.71 0.27
N PHE C 24 2.33 -18.53 0.87
CA PHE C 24 2.51 -18.38 2.30
C PHE C 24 1.19 -17.90 2.91
N GLN C 25 0.45 -18.82 3.53
CA GLN C 25 -0.85 -18.48 4.12
C GLN C 25 -0.78 -18.01 5.56
N VAL C 26 -1.52 -16.95 5.85
CA VAL C 26 -1.56 -16.39 7.20
C VAL C 26 -3.01 -16.20 7.62
N GLY C 27 -3.30 -16.53 8.88
CA GLY C 27 -4.64 -16.36 9.41
C GLY C 27 -4.61 -15.51 10.66
N ALA C 28 -5.72 -14.86 10.98
CA ALA C 28 -5.79 -14.03 12.18
C ALA C 28 -7.21 -14.03 12.73
N ALA C 29 -7.32 -13.92 14.05
CA ALA C 29 -8.62 -13.89 14.71
C ALA C 29 -8.61 -12.78 15.75
N LEU C 30 -9.55 -11.85 15.62
CA LEU C 30 -9.67 -10.73 16.52
C LEU C 30 -10.88 -10.90 17.43
N LEU C 31 -10.66 -10.73 18.73
CA LEU C 31 -11.71 -10.86 19.73
C LEU C 31 -12.13 -9.49 20.29
N THR C 32 -13.40 -9.14 20.14
CA THR C 32 -13.86 -7.86 20.66
C THR C 32 -14.09 -7.98 22.16
N LYS C 33 -14.29 -6.85 22.80
CA LYS C 33 -14.54 -6.82 24.23
C LYS C 33 -15.85 -7.57 24.54
N ASP C 34 -16.80 -7.52 23.61
CA ASP C 34 -18.08 -8.20 23.81
C ASP C 34 -18.04 -9.68 23.48
N GLY C 35 -16.84 -10.20 23.21
CA GLY C 35 -16.72 -11.62 22.90
C GLY C 35 -16.95 -12.07 21.47
N LYS C 36 -17.12 -11.13 20.54
CA LYS C 36 -17.33 -11.53 19.15
C LYS C 36 -15.97 -11.72 18.47
N VAL C 37 -15.90 -12.69 17.55
CA VAL C 37 -14.65 -12.96 16.84
C VAL C 37 -14.70 -12.63 15.35
N TYR C 38 -13.64 -11.98 14.87
CA TYR C 38 -13.53 -11.64 13.45
C TYR C 38 -12.30 -12.33 12.89
N ARG C 39 -12.50 -13.12 11.84
CA ARG C 39 -11.40 -13.85 11.22
C ARG C 39 -10.80 -13.03 10.08
N GLY C 40 -9.51 -13.25 9.84
CA GLY C 40 -8.83 -12.56 8.75
C GLY C 40 -7.80 -13.46 8.10
N CYS C 41 -7.45 -13.17 6.86
CA CYS C 41 -6.45 -13.94 6.14
C CYS C 41 -5.80 -13.02 5.12
N ASN C 42 -4.63 -13.40 4.61
CA ASN C 42 -4.00 -12.57 3.61
C ASN C 42 -4.66 -12.85 2.25
N ILE C 43 -4.80 -11.80 1.45
CA ILE C 43 -5.42 -11.87 0.13
C ILE C 43 -4.49 -11.16 -0.85
N GLU C 44 -3.82 -11.93 -1.70
CA GLU C 44 -2.86 -11.39 -2.66
C GLU C 44 -3.41 -10.92 -4.00
N ASN C 45 -2.56 -10.28 -4.78
CA ASN C 45 -2.92 -9.73 -6.08
C ASN C 45 -1.71 -9.84 -7.01
N ALA C 46 -1.95 -10.02 -8.31
CA ALA C 46 -0.89 -10.15 -9.31
C ALA C 46 0.05 -8.94 -9.27
N ALA C 47 -0.51 -7.77 -8.93
CA ALA C 47 0.27 -6.54 -8.78
C ALA C 47 0.55 -6.49 -7.28
N TYR C 48 1.68 -7.05 -6.86
CA TYR C 48 2.06 -7.14 -5.46
C TYR C 48 1.72 -6.05 -4.42
N SER C 49 1.81 -4.77 -4.77
CA SER C 49 1.52 -3.73 -3.78
C SER C 49 0.08 -3.65 -3.27
N MET C 50 -0.84 -4.37 -3.92
CA MET C 50 -2.24 -4.37 -3.51
C MET C 50 -2.58 -5.42 -2.43
N CYS C 51 -1.60 -6.24 -2.07
CA CYS C 51 -1.79 -7.31 -1.10
C CYS C 51 -2.25 -6.89 0.31
N ASN C 52 -3.30 -7.55 0.80
CA ASN C 52 -3.81 -7.26 2.13
C ASN C 52 -3.43 -8.40 3.08
N HIS C 53 -2.98 -8.04 4.27
CA HIS C 53 -2.57 -9.05 5.25
C HIS C 53 -3.67 -9.51 6.22
N ALA C 54 -3.50 -10.71 6.77
CA ALA C 54 -4.45 -11.30 7.70
C ALA C 54 -4.80 -10.40 8.89
N GLU C 55 -3.78 -9.87 9.57
CA GLU C 55 -4.04 -9.01 10.71
C GLU C 55 -4.92 -7.84 10.31
N GLN C 56 -4.64 -7.26 9.14
CA GLN C 56 -5.42 -6.11 8.69
C GLN C 56 -6.84 -6.50 8.26
N THR C 57 -6.99 -7.65 7.60
CA THR C 57 -8.30 -8.09 7.18
C THR C 57 -9.22 -8.23 8.39
N ALA C 58 -8.74 -8.92 9.43
CA ALA C 58 -9.54 -9.11 10.64
C ALA C 58 -9.94 -7.77 11.28
N LEU C 59 -8.97 -6.87 11.41
CA LEU C 59 -9.22 -5.56 11.98
C LEU C 59 -10.19 -4.72 11.15
N PHE C 60 -10.03 -4.73 9.82
CA PHE C 60 -10.88 -3.97 8.92
C PHE C 60 -12.28 -4.54 8.89
N LYS C 61 -12.39 -5.86 9.00
CA LYS C 61 -13.71 -6.50 9.02
C LYS C 61 -14.46 -6.03 10.26
N ALA C 62 -13.77 -6.05 11.40
CA ALA C 62 -14.37 -5.65 12.66
C ALA C 62 -14.84 -4.20 12.63
N VAL C 63 -13.93 -3.28 12.30
CA VAL C 63 -14.24 -1.85 12.24
C VAL C 63 -15.38 -1.52 11.25
N SER C 64 -15.38 -2.17 10.09
CA SER C 64 -16.42 -1.89 9.10
C SER C 64 -17.78 -2.42 9.55
N GLU C 65 -17.78 -3.14 10.67
CA GLU C 65 -19.03 -3.68 11.21
C GLU C 65 -19.45 -2.87 12.43
N GLY C 66 -18.64 -1.90 12.82
CA GLY C 66 -18.97 -1.08 13.97
C GLY C 66 -18.28 -1.46 15.26
N ASP C 67 -17.50 -2.54 15.25
CA ASP C 67 -16.78 -2.97 16.45
C ASP C 67 -15.40 -2.33 16.44
N THR C 68 -15.09 -1.58 17.51
CA THR C 68 -13.82 -0.88 17.59
C THR C 68 -13.07 -1.06 18.91
N GLU C 69 -13.64 -1.86 19.80
CA GLU C 69 -13.00 -2.12 21.09
C GLU C 69 -12.59 -3.58 21.09
N PHE C 70 -11.29 -3.82 21.19
CA PHE C 70 -10.80 -5.18 21.16
C PHE C 70 -10.02 -5.56 22.39
N GLN C 71 -9.85 -6.87 22.59
CA GLN C 71 -9.08 -7.32 23.74
C GLN C 71 -7.92 -8.23 23.36
N MET C 72 -8.07 -8.96 22.26
CA MET C 72 -7.01 -9.89 21.86
C MET C 72 -7.00 -10.15 20.36
N LEU C 73 -5.81 -10.35 19.82
CA LEU C 73 -5.64 -10.65 18.40
C LEU C 73 -4.68 -11.83 18.27
N ALA C 74 -5.08 -12.86 17.52
CA ALA C 74 -4.23 -14.03 17.32
C ALA C 74 -3.80 -14.11 15.85
N VAL C 75 -2.54 -14.47 15.62
CA VAL C 75 -2.00 -14.57 14.27
C VAL C 75 -1.24 -15.88 14.12
N ALA C 76 -1.48 -16.59 13.02
CA ALA C 76 -0.80 -17.85 12.78
C ALA C 76 -0.36 -18.04 11.32
N ALA C 77 0.81 -18.66 11.16
CA ALA C 77 1.39 -18.96 9.86
C ALA C 77 2.26 -20.20 10.03
N ASP C 78 2.68 -20.80 8.93
CA ASP C 78 3.51 -22.00 8.99
C ASP C 78 5.01 -21.71 9.07
N THR C 79 5.43 -21.10 10.17
CA THR C 79 6.84 -20.76 10.40
C THR C 79 7.35 -21.65 11.54
N PRO C 80 8.68 -21.84 11.64
CA PRO C 80 9.30 -22.67 12.69
C PRO C 80 8.92 -22.18 14.09
N GLY C 81 8.88 -20.86 14.26
CA GLY C 81 8.50 -20.29 15.54
C GLY C 81 7.24 -19.46 15.37
N PRO C 82 6.75 -18.80 16.43
CA PRO C 82 5.54 -17.99 16.28
C PRO C 82 5.74 -17.01 15.12
N VAL C 83 4.69 -16.76 14.33
CA VAL C 83 4.81 -15.84 13.20
C VAL C 83 4.99 -14.40 13.67
N SER C 84 5.80 -13.65 12.94
CA SER C 84 6.07 -12.27 13.30
C SER C 84 5.29 -11.32 12.40
N PRO C 85 4.41 -10.48 12.98
CA PRO C 85 3.62 -9.52 12.19
C PRO C 85 4.58 -8.55 11.50
N CYS C 86 4.27 -8.16 10.27
CA CYS C 86 5.14 -7.22 9.56
C CYS C 86 4.93 -5.82 10.14
N GLY C 87 5.85 -4.92 9.80
CA GLY C 87 5.76 -3.56 10.30
C GLY C 87 4.47 -2.82 9.96
N ALA C 88 3.97 -3.01 8.75
CA ALA C 88 2.75 -2.34 8.33
C ALA C 88 1.58 -2.80 9.19
N CYS C 89 1.53 -4.10 9.48
CA CYS C 89 0.46 -4.63 10.31
C CYS C 89 0.59 -4.12 11.76
N ARG C 90 1.82 -4.03 12.26
CA ARG C 90 2.01 -3.55 13.62
C ARG C 90 1.51 -2.11 13.71
N GLN C 91 1.70 -1.35 12.63
CA GLN C 91 1.27 0.04 12.59
C GLN C 91 -0.25 0.15 12.64
N VAL C 92 -0.93 -0.71 11.89
CA VAL C 92 -2.38 -0.68 11.87
C VAL C 92 -2.92 -1.13 13.22
N ILE C 93 -2.23 -2.08 13.83
CA ILE C 93 -2.62 -2.58 15.15
C ILE C 93 -2.49 -1.46 16.19
N SER C 94 -1.40 -0.70 16.13
CA SER C 94 -1.19 0.37 17.10
C SER C 94 -2.23 1.47 16.96
N GLU C 95 -2.75 1.64 15.76
CA GLU C 95 -3.75 2.66 15.50
C GLU C 95 -5.16 2.23 15.87
N LEU C 96 -5.51 0.98 15.59
CA LEU C 96 -6.86 0.49 15.87
C LEU C 96 -7.06 -0.21 17.21
N CYS C 97 -5.97 -0.60 17.86
CA CYS C 97 -6.06 -1.28 19.15
C CYS C 97 -5.52 -0.44 20.28
N THR C 98 -6.12 -0.60 21.46
CA THR C 98 -5.65 0.12 22.63
C THR C 98 -4.33 -0.53 23.01
N LYS C 99 -3.46 0.20 23.71
CA LYS C 99 -2.15 -0.31 24.08
C LYS C 99 -2.15 -1.55 24.95
N ASP C 100 -3.31 -1.95 25.45
CA ASP C 100 -3.41 -3.12 26.32
C ASP C 100 -3.79 -4.40 25.60
N VAL C 101 -4.31 -4.30 24.38
CA VAL C 101 -4.71 -5.48 23.62
C VAL C 101 -3.60 -6.53 23.60
N ILE C 102 -3.97 -7.78 23.81
CA ILE C 102 -2.99 -8.85 23.81
C ILE C 102 -2.81 -9.43 22.42
N VAL C 103 -1.57 -9.47 21.95
CA VAL C 103 -1.28 -10.02 20.63
C VAL C 103 -0.66 -11.40 20.80
N VAL C 104 -1.38 -12.42 20.35
CA VAL C 104 -0.96 -13.81 20.47
C VAL C 104 -0.40 -14.31 19.13
N LEU C 105 0.89 -14.61 19.13
CA LEU C 105 1.55 -15.09 17.93
C LEU C 105 1.81 -16.59 18.04
N THR C 106 1.54 -17.33 16.96
CA THR C 106 1.75 -18.77 16.95
C THR C 106 2.01 -19.30 15.54
N ASN C 107 2.17 -20.62 15.43
CA ASN C 107 2.41 -21.27 14.14
C ASN C 107 1.48 -22.48 14.03
N LEU C 108 1.85 -23.49 13.26
CA LEU C 108 0.97 -24.65 13.13
C LEU C 108 1.38 -25.81 14.03
N GLN C 109 2.20 -25.54 15.04
CA GLN C 109 2.68 -26.61 15.91
C GLN C 109 2.64 -26.32 17.41
N GLY C 110 1.77 -25.42 17.81
CA GLY C 110 1.65 -25.11 19.23
C GLY C 110 2.60 -24.11 19.86
N GLN C 111 3.57 -23.56 19.13
CA GLN C 111 4.47 -22.59 19.75
C GLN C 111 3.75 -21.25 19.88
N ILE C 112 3.78 -20.69 21.08
CA ILE C 112 3.08 -19.45 21.34
C ILE C 112 3.93 -18.36 21.99
N LYS C 113 3.81 -17.15 21.47
CA LYS C 113 4.53 -15.99 21.99
C LYS C 113 3.49 -14.89 22.11
N GLU C 114 3.48 -14.25 23.26
CA GLU C 114 2.50 -13.21 23.52
C GLU C 114 3.17 -11.86 23.75
N MET C 115 2.50 -10.80 23.32
CA MET C 115 3.05 -9.46 23.54
C MET C 115 2.09 -8.30 23.36
N THR C 116 2.54 -7.14 23.81
CA THR C 116 1.74 -5.92 23.75
C THR C 116 1.99 -5.09 22.49
N VAL C 117 1.06 -4.21 22.20
CA VAL C 117 1.17 -3.34 21.05
C VAL C 117 2.45 -2.52 21.15
N GLU C 118 2.69 -1.99 22.35
CA GLU C 118 3.87 -1.17 22.59
C GLU C 118 5.19 -1.87 22.32
N GLU C 119 5.36 -3.09 22.84
CA GLU C 119 6.60 -3.81 22.59
C GLU C 119 6.58 -4.35 21.18
N LEU C 120 5.38 -4.42 20.59
CA LEU C 120 5.25 -4.90 19.23
C LEU C 120 5.82 -3.78 18.35
N LEU C 121 5.47 -2.53 18.69
CA LEU C 121 5.93 -1.37 17.93
C LEU C 121 6.29 -0.18 18.83
N PRO C 122 7.57 -0.09 19.25
CA PRO C 122 8.13 0.95 20.12
C PRO C 122 7.87 2.42 19.73
N GLY C 123 7.25 3.16 20.63
CA GLY C 123 6.96 4.57 20.38
C GLY C 123 6.42 4.79 18.98
N ALA C 124 5.42 4.00 18.63
CA ALA C 124 4.79 4.06 17.32
C ALA C 124 4.34 5.45 16.90
N PHE C 125 4.42 5.70 15.60
CA PHE C 125 3.97 6.95 15.00
C PHE C 125 2.46 6.97 15.22
N SER C 126 1.90 8.13 15.56
CA SER C 126 0.46 8.21 15.79
C SER C 126 -0.16 9.52 15.36
N SER C 127 -1.48 9.60 15.51
CA SER C 127 -2.23 10.79 15.14
C SER C 127 -1.83 12.00 15.99
N GLU C 128 -1.26 11.76 17.17
CA GLU C 128 -0.82 12.86 18.03
C GLU C 128 0.26 13.67 17.34
N ASP C 129 1.10 12.99 16.57
CA ASP C 129 2.20 13.64 15.88
C ASP C 129 1.79 14.55 14.73
N LEU C 130 0.50 14.55 14.38
CA LEU C 130 0.03 15.38 13.29
C LEU C 130 -0.43 16.79 13.72
N MET D 1 31.25 12.72 6.41
CA MET D 1 29.80 13.03 6.59
C MET D 1 29.31 12.68 7.99
N ASN D 2 29.17 13.71 8.82
CA ASN D 2 28.68 13.53 10.19
C ASN D 2 27.16 13.44 10.16
N ARG D 3 26.56 13.00 11.26
CA ARG D 3 25.12 12.87 11.32
C ARG D 3 24.41 14.22 11.29
N GLN D 4 25.10 15.26 11.75
CA GLN D 4 24.52 16.59 11.77
C GLN D 4 24.32 17.12 10.35
N GLU D 5 25.21 16.72 9.45
CA GLU D 5 25.12 17.12 8.05
C GLU D 5 23.97 16.36 7.39
N LEU D 6 23.85 15.07 7.70
CA LEU D 6 22.79 14.25 7.14
C LEU D 6 21.44 14.83 7.54
N ILE D 7 21.35 15.25 8.80
CA ILE D 7 20.11 15.85 9.30
C ILE D 7 19.72 17.07 8.48
N THR D 8 20.69 17.89 8.12
CA THR D 8 20.40 19.09 7.34
C THR D 8 19.90 18.68 5.95
N GLU D 9 20.40 17.56 5.46
CA GLU D 9 19.97 17.05 4.16
C GLU D 9 18.50 16.64 4.25
N ALA D 10 18.16 15.93 5.31
CA ALA D 10 16.79 15.47 5.53
C ALA D 10 15.84 16.65 5.65
N LEU D 11 16.31 17.71 6.29
CA LEU D 11 15.51 18.92 6.47
C LEU D 11 15.27 19.59 5.12
N LYS D 12 16.28 19.58 4.27
CA LYS D 12 16.15 20.15 2.94
C LYS D 12 15.19 19.28 2.15
N ALA D 13 15.43 17.97 2.21
CA ALA D 13 14.59 17.00 1.50
C ALA D 13 13.12 17.20 1.86
N ARG D 14 12.88 17.50 3.13
CA ARG D 14 11.52 17.71 3.64
C ARG D 14 10.76 18.80 2.88
N ASP D 15 11.49 19.82 2.39
CA ASP D 15 10.83 20.90 1.66
C ASP D 15 10.30 20.51 0.29
N MET D 16 10.74 19.38 -0.22
CA MET D 16 10.30 18.90 -1.53
C MET D 16 9.02 18.10 -1.38
N ALA D 17 8.64 17.83 -0.14
CA ALA D 17 7.44 17.03 0.14
C ALA D 17 6.20 17.51 -0.61
N TYR D 18 5.41 16.54 -1.05
CA TYR D 18 4.18 16.78 -1.75
C TYR D 18 3.09 16.19 -0.85
N ALA D 19 2.70 16.96 0.16
CA ALA D 19 1.69 16.51 1.13
C ALA D 19 0.52 17.49 1.24
N PRO D 20 -0.15 17.76 0.12
CA PRO D 20 -1.30 18.68 0.10
C PRO D 20 -2.53 18.20 0.85
N TYR D 21 -2.59 16.91 1.16
CA TYR D 21 -3.76 16.39 1.86
C TYR D 21 -3.60 16.34 3.39
N SER D 22 -2.43 15.94 3.86
CA SER D 22 -2.21 15.87 5.29
C SER D 22 -1.58 17.16 5.82
N LYS D 23 -0.85 17.85 4.94
CA LYS D 23 -0.15 19.08 5.30
C LYS D 23 0.97 18.76 6.27
N PHE D 24 1.33 17.48 6.34
CA PHE D 24 2.40 17.02 7.23
C PHE D 24 3.58 16.63 6.34
N GLN D 25 4.65 17.43 6.36
CA GLN D 25 5.82 17.16 5.53
C GLN D 25 6.90 16.38 6.26
N VAL D 26 7.46 15.40 5.57
CA VAL D 26 8.51 14.57 6.15
C VAL D 26 9.67 14.49 5.18
N GLY D 27 10.89 14.48 5.72
CA GLY D 27 12.07 14.40 4.88
C GLY D 27 13.01 13.36 5.40
N ALA D 28 13.84 12.80 4.52
CA ALA D 28 14.79 11.79 4.92
C ALA D 28 16.05 11.85 4.06
N ALA D 29 17.18 11.47 4.64
CA ALA D 29 18.45 11.47 3.95
C ALA D 29 19.15 10.17 4.24
N LEU D 30 19.48 9.42 3.19
CA LEU D 30 20.16 8.14 3.33
C LEU D 30 21.62 8.27 2.91
N LEU D 31 22.53 7.76 3.74
CA LEU D 31 23.96 7.82 3.47
C LEU D 31 24.53 6.45 3.12
N THR D 32 25.11 6.33 1.94
CA THR D 32 25.70 5.05 1.51
C THR D 32 27.05 4.84 2.17
N LYS D 33 27.58 3.63 2.02
CA LYS D 33 28.88 3.30 2.58
C LYS D 33 29.96 4.16 1.93
N ASP D 34 29.75 4.50 0.65
CA ASP D 34 30.71 5.31 -0.09
C ASP D 34 30.55 6.81 0.12
N GLY D 35 29.68 7.19 1.05
CA GLY D 35 29.49 8.61 1.33
C GLY D 35 28.48 9.36 0.48
N LYS D 36 27.78 8.66 -0.40
CA LYS D 36 26.79 9.35 -1.23
C LYS D 36 25.49 9.53 -0.43
N VAL D 37 24.78 10.62 -0.67
CA VAL D 37 23.53 10.88 0.02
C VAL D 37 22.33 10.89 -0.91
N TYR D 38 21.25 10.26 -0.46
CA TYR D 38 20.00 10.23 -1.22
C TYR D 38 18.92 10.86 -0.37
N ARG D 39 18.22 11.83 -0.94
CA ARG D 39 17.16 12.53 -0.24
C ARG D 39 15.81 11.92 -0.57
N GLY D 40 14.89 11.98 0.40
CA GLY D 40 13.56 11.44 0.20
C GLY D 40 12.53 12.28 0.93
N CYS D 41 11.30 12.25 0.45
CA CYS D 41 10.24 13.02 1.09
C CYS D 41 8.95 12.26 0.88
N ASN D 42 7.87 12.69 1.51
CA ASN D 42 6.60 11.99 1.32
C ASN D 42 5.85 12.63 0.16
N ILE D 43 5.22 11.77 -0.64
CA ILE D 43 4.47 12.19 -1.82
C ILE D 43 3.09 11.58 -1.74
N GLU D 44 2.08 12.41 -1.48
CA GLU D 44 0.72 11.96 -1.34
C GLU D 44 -0.07 11.86 -2.64
N ASN D 45 -1.28 11.31 -2.51
CA ASN D 45 -2.17 11.10 -3.65
C ASN D 45 -3.61 11.26 -3.17
N ALA D 46 -4.49 11.75 -4.04
CA ALA D 46 -5.90 11.95 -3.71
C ALA D 46 -6.54 10.66 -3.20
N ALA D 47 -6.01 9.54 -3.66
CA ALA D 47 -6.46 8.21 -3.23
C ALA D 47 -5.38 7.81 -2.22
N TYR D 48 -5.66 8.06 -0.94
CA TYR D 48 -4.74 7.81 0.15
C TYR D 48 -3.83 6.59 0.22
N SER D 49 -4.27 5.44 -0.25
CA SER D 49 -3.43 4.25 -0.18
C SER D 49 -2.17 4.31 -1.08
N MET D 50 -2.17 5.23 -2.03
CA MET D 50 -1.03 5.39 -2.95
C MET D 50 0.19 6.08 -2.34
N CYS D 51 -0.06 6.96 -1.37
CA CYS D 51 0.99 7.73 -0.70
C CYS D 51 2.29 6.97 -0.42
N ASN D 52 3.41 7.64 -0.70
CA ASN D 52 4.74 7.08 -0.47
C ASN D 52 5.43 7.93 0.60
N HIS D 53 6.16 7.28 1.50
CA HIS D 53 6.82 7.97 2.60
C HIS D 53 8.27 8.37 2.36
N ALA D 54 8.70 9.41 3.06
CA ALA D 54 10.06 9.93 2.94
C ALA D 54 11.15 8.87 3.09
N GLU D 55 11.05 8.03 4.12
CA GLU D 55 12.05 7.00 4.36
C GLU D 55 12.15 6.04 3.18
N GLN D 56 11.00 5.65 2.65
CA GLN D 56 10.95 4.73 1.53
C GLN D 56 11.46 5.39 0.25
N THR D 57 11.12 6.65 0.04
CA THR D 57 11.56 7.36 -1.16
C THR D 57 13.10 7.38 -1.24
N ALA D 58 13.76 7.72 -0.13
CA ALA D 58 15.21 7.77 -0.13
C ALA D 58 15.82 6.40 -0.42
N LEU D 59 15.27 5.36 0.22
CA LEU D 59 15.76 4.02 0.01
C LEU D 59 15.57 3.51 -1.42
N PHE D 60 14.38 3.75 -1.97
CA PHE D 60 14.02 3.33 -3.32
C PHE D 60 14.87 4.06 -4.35
N LYS D 61 15.12 5.34 -4.11
CA LYS D 61 15.95 6.13 -4.99
C LYS D 61 17.33 5.48 -5.04
N ALA D 62 17.90 5.22 -3.86
CA ALA D 62 19.22 4.60 -3.75
C ALA D 62 19.29 3.26 -4.47
N VAL D 63 18.40 2.34 -4.10
CA VAL D 63 18.38 1.01 -4.69
C VAL D 63 18.19 0.99 -6.20
N SER D 64 17.35 1.88 -6.71
CA SER D 64 17.10 1.95 -8.13
C SER D 64 18.32 2.52 -8.88
N GLU D 65 19.28 3.06 -8.13
CA GLU D 65 20.49 3.63 -8.70
C GLU D 65 21.67 2.67 -8.56
N GLY D 66 21.44 1.53 -7.93
CA GLY D 66 22.51 0.56 -7.77
C GLY D 66 23.21 0.58 -6.43
N ASP D 67 22.79 1.49 -5.55
CA ASP D 67 23.39 1.57 -4.22
C ASP D 67 22.52 0.77 -3.24
N THR D 68 23.13 -0.27 -2.67
CA THR D 68 22.43 -1.14 -1.74
C THR D 68 23.12 -1.28 -0.40
N GLU D 69 24.24 -0.60 -0.22
CA GLU D 69 24.99 -0.64 1.03
C GLU D 69 24.82 0.70 1.71
N PHE D 70 24.29 0.70 2.94
CA PHE D 70 24.08 1.95 3.66
C PHE D 70 24.70 1.94 5.05
N GLN D 71 24.83 3.13 5.65
CA GLN D 71 25.38 3.23 6.99
C GLN D 71 24.52 4.08 7.92
N MET D 72 23.83 5.06 7.36
CA MET D 72 23.00 5.92 8.19
C MET D 72 21.80 6.53 7.47
N LEU D 73 20.70 6.65 8.20
CA LEU D 73 19.48 7.22 7.66
C LEU D 73 18.92 8.23 8.65
N ALA D 74 18.64 9.44 8.17
CA ALA D 74 18.08 10.49 9.03
C ALA D 74 16.66 10.79 8.57
N VAL D 75 15.78 11.09 9.53
CA VAL D 75 14.39 11.38 9.23
C VAL D 75 13.97 12.59 10.06
N ALA D 76 13.20 13.50 9.45
CA ALA D 76 12.76 14.69 10.15
C ALA D 76 11.36 15.16 9.78
N ALA D 77 10.63 15.62 10.80
CA ALA D 77 9.28 16.12 10.62
C ALA D 77 9.02 17.17 11.69
N ASP D 78 7.95 17.93 11.53
CA ASP D 78 7.63 18.95 12.52
C ASP D 78 6.76 18.38 13.62
N THR D 79 7.38 17.57 14.48
CA THR D 79 6.70 16.92 15.59
C THR D 79 7.29 17.35 16.93
N PRO D 80 6.55 17.12 18.03
CA PRO D 80 6.99 17.47 19.39
C PRO D 80 8.41 16.99 19.64
N GLY D 81 8.62 15.68 19.48
CA GLY D 81 9.94 15.12 19.68
C GLY D 81 10.43 14.53 18.38
N PRO D 82 11.52 13.75 18.39
CA PRO D 82 12.02 13.16 17.14
C PRO D 82 10.87 12.44 16.44
N VAL D 83 10.82 12.53 15.12
CA VAL D 83 9.74 11.88 14.37
C VAL D 83 9.88 10.36 14.45
N SER D 84 8.75 9.68 14.52
CA SER D 84 8.75 8.24 14.61
C SER D 84 8.37 7.60 13.27
N PRO D 85 9.27 6.79 12.71
CA PRO D 85 8.99 6.12 11.43
C PRO D 85 7.78 5.22 11.62
N CYS D 86 6.89 5.17 10.65
CA CYS D 86 5.72 4.31 10.80
C CYS D 86 6.17 2.86 10.62
N GLY D 87 5.29 1.92 10.97
CA GLY D 87 5.62 0.52 10.87
C GLY D 87 5.98 0.04 9.47
N ALA D 88 5.28 0.52 8.46
CA ALA D 88 5.58 0.11 7.09
C ALA D 88 7.00 0.52 6.71
N CYS D 89 7.41 1.72 7.11
CA CYS D 89 8.76 2.20 6.80
C CYS D 89 9.80 1.39 7.56
N ARG D 90 9.50 1.01 8.79
CA ARG D 90 10.46 0.23 9.57
C ARG D 90 10.65 -1.12 8.89
N GLN D 91 9.58 -1.63 8.28
CA GLN D 91 9.65 -2.92 7.60
C GLN D 91 10.54 -2.83 6.39
N VAL D 92 10.36 -1.76 5.61
CA VAL D 92 11.18 -1.57 4.41
C VAL D 92 12.64 -1.33 4.83
N ILE D 93 12.83 -0.64 5.95
CA ILE D 93 14.17 -0.37 6.46
C ILE D 93 14.86 -1.68 6.90
N SER D 94 14.11 -2.57 7.53
CA SER D 94 14.70 -3.83 7.98
C SER D 94 15.05 -4.77 6.83
N GLU D 95 14.40 -4.57 5.69
CA GLU D 95 14.65 -5.40 4.53
C GLU D 95 15.81 -4.88 3.66
N LEU D 96 15.90 -3.57 3.50
CA LEU D 96 16.94 -2.98 2.67
C LEU D 96 18.22 -2.52 3.39
N CYS D 97 18.15 -2.40 4.71
CA CYS D 97 19.30 -1.98 5.49
C CYS D 97 19.84 -3.14 6.32
N THR D 98 21.15 -3.11 6.56
CA THR D 98 21.77 -4.14 7.38
C THR D 98 21.42 -3.83 8.82
N LYS D 99 21.45 -4.85 9.67
CA LYS D 99 21.11 -4.70 11.08
C LYS D 99 21.93 -3.68 11.87
N ASP D 100 22.97 -3.13 11.26
CA ASP D 100 23.83 -2.17 11.95
C ASP D 100 23.60 -0.71 11.57
N VAL D 101 22.92 -0.48 10.45
CA VAL D 101 22.66 0.89 10.00
C VAL D 101 22.09 1.73 11.14
N ILE D 102 22.57 2.96 11.26
CA ILE D 102 22.12 3.87 12.30
C ILE D 102 20.97 4.75 11.83
N VAL D 103 19.87 4.74 12.57
CA VAL D 103 18.71 5.54 12.23
C VAL D 103 18.63 6.77 13.14
N VAL D 104 18.78 7.93 12.55
CA VAL D 104 18.74 9.19 13.28
C VAL D 104 17.40 9.88 13.13
N LEU D 105 16.66 9.98 14.23
CA LEU D 105 15.35 10.62 14.21
C LEU D 105 15.44 12.00 14.83
N THR D 106 14.74 12.96 14.24
CA THR D 106 14.76 14.33 14.74
C THR D 106 13.53 15.12 14.30
N ASN D 107 13.51 16.40 14.65
CA ASN D 107 12.41 17.27 14.28
C ASN D 107 12.92 18.64 13.86
N LEU D 108 12.04 19.64 13.92
CA LEU D 108 12.38 21.00 13.54
C LEU D 108 12.89 21.83 14.73
N GLN D 109 13.35 21.16 15.78
CA GLN D 109 13.84 21.89 16.95
C GLN D 109 15.01 21.24 17.67
N GLY D 110 15.94 20.66 16.89
CA GLY D 110 17.13 20.04 17.44
C GLY D 110 17.07 18.78 18.29
N GLN D 111 15.86 18.27 18.54
CA GLN D 111 15.71 17.06 19.34
C GLN D 111 16.13 15.83 18.52
N ILE D 112 17.11 15.08 19.03
CA ILE D 112 17.61 13.91 18.32
C ILE D 112 17.59 12.61 19.11
N LYS D 113 17.10 11.56 18.45
CA LYS D 113 17.04 10.23 19.03
C LYS D 113 17.68 9.31 17.99
N GLU D 114 18.54 8.42 18.44
CA GLU D 114 19.26 7.51 17.56
C GLU D 114 19.01 6.06 17.95
N MET D 115 18.97 5.17 16.96
CA MET D 115 18.74 3.76 17.21
C MET D 115 19.07 2.89 16.01
N THR D 116 19.27 1.60 16.24
CA THR D 116 19.59 0.67 15.17
C THR D 116 18.32 0.01 14.62
N VAL D 117 18.45 -0.62 13.46
CA VAL D 117 17.33 -1.28 12.81
C VAL D 117 16.59 -2.22 13.77
N GLU D 118 17.29 -3.22 14.27
CA GLU D 118 16.70 -4.20 15.19
C GLU D 118 15.90 -3.55 16.31
N GLU D 119 16.41 -2.46 16.87
CA GLU D 119 15.70 -1.78 17.95
C GLU D 119 14.44 -1.12 17.40
N LEU D 120 14.52 -0.73 16.13
CA LEU D 120 13.40 -0.08 15.46
C LEU D 120 12.25 -1.05 15.24
N LEU D 121 12.60 -2.29 14.88
CA LEU D 121 11.58 -3.30 14.63
C LEU D 121 12.02 -4.68 15.12
N PRO D 122 11.77 -4.98 16.42
CA PRO D 122 12.10 -6.25 17.09
C PRO D 122 11.60 -7.52 16.42
N GLY D 123 12.54 -8.40 16.06
CA GLY D 123 12.20 -9.67 15.43
C GLY D 123 11.38 -9.49 14.18
N ALA D 124 11.78 -8.54 13.35
CA ALA D 124 11.08 -8.24 12.12
C ALA D 124 10.82 -9.47 11.24
N PHE D 125 9.69 -9.43 10.55
CA PHE D 125 9.30 -10.49 9.61
C PHE D 125 10.33 -10.36 8.48
N SER D 126 10.81 -11.47 7.94
CA SER D 126 11.81 -11.40 6.89
C SER D 126 11.73 -12.51 5.85
N SER D 127 12.58 -12.41 4.83
CA SER D 127 12.59 -13.40 3.76
C SER D 127 12.88 -14.79 4.28
N GLU D 128 13.54 -14.87 5.43
CA GLU D 128 13.85 -16.16 6.04
C GLU D 128 12.58 -16.93 6.37
N ASP D 129 11.53 -16.21 6.73
CA ASP D 129 10.27 -16.84 7.11
C ASP D 129 9.49 -17.42 5.93
N LEU D 130 9.95 -17.15 4.71
CA LEU D 130 9.29 -17.67 3.52
C LEU D 130 10.04 -18.92 3.04
N HIS D 131 11.01 -19.34 3.85
CA HIS D 131 11.85 -20.51 3.60
C HIS D 131 12.85 -20.27 2.47
N1 THU E . 4.76 -4.29 -11.43
C2 THU E . 5.30 -3.07 -11.56
O2 THU E . 6.36 -2.77 -11.01
N3 THU E . 4.65 -2.17 -12.34
C4 THU E . 3.40 -2.47 -13.01
O4 THU E . 2.40 -1.46 -12.85
C5 THU E . 2.70 -3.81 -12.64
C6 THU E . 3.38 -4.51 -11.46
C1' THU E . 5.28 -5.12 -10.13
C2' THU E . 5.27 -5.15 -8.62
C3' THU E . 6.01 -6.42 -8.41
O3' THU E . 7.29 -6.21 -7.86
C4' THU E . 6.10 -7.14 -9.76
O4' THU E . 5.94 -6.17 -10.80
C5' THU E . 5.17 -8.31 -9.88
O5' THU E . 3.85 -7.78 -9.92
ZN ZN F . 2.04 -0.76 -10.69
C TRS G . 19.52 -9.27 -11.46
C1 TRS G . 18.85 -10.58 -11.90
C2 TRS G . 18.69 -8.42 -10.46
C3 TRS G . 19.80 -8.50 -12.76
N TRS G . 20.75 -9.58 -10.65
O1 TRS G . 17.83 -10.31 -12.94
O2 TRS G . 17.44 -8.05 -11.04
O3 TRS G . 19.28 -7.20 -12.85
N1 THU H . -11.69 6.07 -1.39
C2 THU H . -12.23 4.84 -1.25
O2 THU H . -12.37 4.33 -0.15
N3 THU H . -12.60 4.17 -2.36
C4 THU H . -12.46 4.73 -3.70
O4 THU H . -11.82 3.85 -4.63
C5 THU H . -11.71 6.09 -3.82
C6 THU H . -10.96 6.46 -2.52
C1' THU H . -10.76 6.56 -0.12
C2' THU H . -9.52 6.25 0.68
C3' THU H . -9.53 7.41 1.60
O3' THU H . -9.76 7.03 2.93
C4' THU H . -10.60 8.39 1.14
O4' THU H . -11.48 7.73 0.23
C5' THU H . -10.04 9.66 0.58
O5' THU H . -9.44 9.32 -0.67
ZN ZN I . -9.84 2.83 -3.99
N1 THU J . 1.74 -11.83 5.84
C2 THU J . 0.63 -11.41 6.49
O2 THU J . -0.48 -11.52 5.98
N3 THU J . 0.75 -10.85 7.71
C4 THU J . 2.02 -10.69 8.39
O4 THU J . 2.28 -9.35 8.76
C5 THU J . 3.27 -11.21 7.63
C6 THU J . 3.03 -11.35 6.12
C1' THU J . 1.63 -11.80 4.20
C2' THU J . 1.23 -10.96 3.02
C3' THU J . 1.58 -11.88 1.92
O3' THU J . 0.45 -12.36 1.24
C4' THU J . 2.39 -13.03 2.50
O4' THU J . 2.14 -13.09 3.91
C5' THU J . 3.85 -12.97 2.15
O5' THU J . 4.41 -11.82 2.80
ZN ZN K . 1.47 -7.70 7.70
N1 THU L . 5.02 9.96 6.93
C2 THU L . 6.17 9.74 6.28
O2 THU L . 6.36 10.19 5.15
N3 THU L . 7.12 9.00 6.90
C4 THU L . 6.94 8.46 8.26
O4 THU L . 7.24 7.07 8.39
C5 THU L . 5.55 8.66 8.90
C6 THU L . 4.48 9.07 7.87
C1' THU L . 3.77 10.35 5.97
C2' THU L . 2.89 9.86 4.86
C3' THU L . 1.93 10.99 4.79
O3' THU L . 2.05 11.74 3.62
C4' THU L . 2.13 11.86 6.02
O4' THU L . 3.45 11.62 6.53
C5' THU L . 1.06 11.68 7.07
O5' THU L . 1.14 10.34 7.56
ZN ZN M . 6.38 5.58 6.90
#